data_1LO6
#
_entry.id   1LO6
#
_cell.length_a   39.207
_cell.length_b   61.814
_cell.length_c   85.838
_cell.angle_alpha   90.00
_cell.angle_beta   90.00
_cell.angle_gamma   90.00
#
_symmetry.space_group_name_H-M   'P 21 21 21'
#
loop_
_entity.id
_entity.type
_entity.pdbx_description
1 polymer 'Kallikrein 6'
2 non-polymer 'MAGNESIUM ION'
3 non-polymer BENZAMIDINE
4 water water
#
_entity_poly.entity_id   1
_entity_poly.type   'polypeptide(L)'
_entity_poly.pdbx_seq_one_letter_code
;LVHGGPCDKTSHPYQAALYTSGHLLCGGVLIHPLWVLTAAHCKKPNLQVFLGKHNLRQRESSQEQSSVVRAVIHPDYDAA
SHDQDIMLLRLARPAKLSELIQPLPLERDCSANTTSCHILGWGKTADGDFPDTIQCAYIHLVSREECEHAYPGQITQNML
CAGDEKYGKDSCQGDSGGPLVCGDHLRGLVSWGNIPCGSKEKPGVYTNVCRYTNWIQKTIQAK
;
_entity_poly.pdbx_strand_id   A
#
loop_
_chem_comp.id
_chem_comp.type
_chem_comp.name
_chem_comp.formula
BEN non-polymer BENZAMIDINE 'C7 H8 N2'
MG non-polymer 'MAGNESIUM ION' 'Mg 2'
#
# COMPACT_ATOMS: atom_id res chain seq x y z
N LEU A 1 4.91 5.41 8.11
CA LEU A 1 3.87 4.84 9.00
C LEU A 1 4.17 5.33 10.40
N VAL A 2 3.16 5.88 11.08
CA VAL A 2 3.39 6.41 12.42
C VAL A 2 2.93 5.51 13.56
N HIS A 3 3.74 5.48 14.62
CA HIS A 3 3.47 4.72 15.85
C HIS A 3 3.58 3.21 15.75
N GLY A 4 4.33 2.75 14.75
CA GLY A 4 4.52 1.32 14.58
C GLY A 4 5.92 0.96 15.03
N GLY A 5 6.49 -0.10 14.43
CA GLY A 5 7.82 -0.52 14.78
C GLY A 5 8.45 -1.27 13.61
N PRO A 6 9.73 -1.61 13.69
CA PRO A 6 10.33 -2.33 12.55
C PRO A 6 9.69 -3.70 12.33
N CYS A 7 9.44 -4.01 11.06
CA CYS A 7 8.87 -5.31 10.69
C CYS A 7 9.89 -6.42 10.89
N ASP A 8 9.42 -7.66 10.97
CA ASP A 8 10.33 -8.78 11.04
C ASP A 8 10.84 -8.87 9.60
N LYS A 9 12.09 -9.27 9.43
CA LYS A 9 12.68 -9.34 8.09
C LYS A 9 11.99 -10.24 7.07
N THR A 10 11.32 -11.30 7.52
CA THR A 10 10.67 -12.21 6.57
C THR A 10 9.17 -12.05 6.48
N SER A 11 8.63 -10.99 7.07
CA SER A 11 7.20 -10.76 7.13
C SER A 11 6.57 -9.95 6.00
N HIS A 12 7.37 -9.50 5.04
CA HIS A 12 6.81 -8.67 3.97
C HIS A 12 7.39 -8.99 2.60
N PRO A 13 7.35 -10.27 2.19
CA PRO A 13 7.91 -10.63 0.89
C PRO A 13 7.23 -10.02 -0.32
N TYR A 14 6.01 -9.53 -0.13
CA TYR A 14 5.21 -8.93 -1.20
C TYR A 14 5.40 -7.42 -1.31
N GLN A 15 6.15 -6.82 -0.39
CA GLN A 15 6.34 -5.37 -0.40
C GLN A 15 7.32 -4.88 -1.46
N ALA A 16 6.88 -3.90 -2.23
CA ALA A 16 7.71 -3.29 -3.25
C ALA A 16 8.03 -1.86 -2.81
N ALA A 17 9.18 -1.35 -3.24
CA ALA A 17 9.53 0.04 -2.99
C ALA A 17 9.56 0.68 -4.37
N LEU A 18 8.88 1.82 -4.53
CA LEU A 18 8.85 2.52 -5.82
C LEU A 18 9.69 3.77 -5.66
N TYR A 19 10.66 3.92 -6.56
CA TYR A 19 11.59 5.05 -6.56
C TYR A 19 11.50 5.90 -7.81
N THR A 20 11.86 7.16 -7.65
CA THR A 20 11.93 8.09 -8.79
C THR A 20 13.03 9.09 -8.40
N SER A 21 13.86 9.48 -9.35
CA SER A 21 14.92 10.44 -9.07
C SER A 21 15.84 10.05 -7.90
N GLY A 22 16.01 8.76 -7.68
CA GLY A 22 16.89 8.29 -6.61
C GLY A 22 16.32 8.25 -5.20
N HIS A 23 15.03 8.56 -5.04
CA HIS A 23 14.41 8.56 -3.73
C HIS A 23 13.12 7.75 -3.69
N LEU A 24 12.83 7.16 -2.54
CA LEU A 24 11.59 6.39 -2.45
C LEU A 24 10.42 7.35 -2.56
N LEU A 25 9.42 6.92 -3.32
CA LEU A 25 8.21 7.71 -3.54
C LEU A 25 6.98 7.03 -2.93
N CYS A 26 6.94 5.72 -3.03
CA CYS A 26 5.75 4.98 -2.60
C CYS A 26 6.07 3.53 -2.33
N GLY A 27 5.07 2.85 -1.77
CA GLY A 27 5.15 1.43 -1.59
C GLY A 27 4.34 0.80 -2.73
N GLY A 28 4.32 -0.53 -2.76
CA GLY A 28 3.56 -1.23 -3.79
C GLY A 28 3.44 -2.68 -3.34
N VAL A 29 2.64 -3.45 -4.05
N VAL A 29 2.63 -3.46 -4.03
CA VAL A 29 2.44 -4.85 -3.68
CA VAL A 29 2.46 -4.86 -3.65
C VAL A 29 2.61 -5.77 -4.88
C VAL A 29 2.60 -5.78 -4.86
N LEU A 30 3.51 -6.75 -4.75
CA LEU A 30 3.71 -7.71 -5.82
C LEU A 30 2.48 -8.62 -5.77
N ILE A 31 1.73 -8.71 -6.87
CA ILE A 31 0.54 -9.56 -6.89
C ILE A 31 0.64 -10.64 -7.96
N HIS A 32 1.73 -10.63 -8.70
CA HIS A 32 1.97 -11.59 -9.78
C HIS A 32 3.42 -11.35 -10.17
N PRO A 33 4.14 -12.37 -10.66
CA PRO A 33 5.54 -12.16 -11.03
C PRO A 33 5.84 -10.97 -11.94
N LEU A 34 4.86 -10.60 -12.77
CA LEU A 34 5.05 -9.50 -13.70
C LEU A 34 4.32 -8.22 -13.32
N TRP A 35 3.61 -8.24 -12.19
CA TRP A 35 2.83 -7.06 -11.83
C TRP A 35 2.88 -6.61 -10.38
N VAL A 36 3.03 -5.29 -10.23
CA VAL A 36 3.04 -4.66 -8.92
C VAL A 36 1.83 -3.72 -8.88
N LEU A 37 1.03 -3.84 -7.82
CA LEU A 37 -0.15 -3.00 -7.64
C LEU A 37 0.24 -1.86 -6.69
N THR A 38 -0.25 -0.65 -6.98
CA THR A 38 0.06 0.51 -6.16
C THR A 38 -1.02 1.58 -6.34
N ALA A 39 -0.82 2.75 -5.76
CA ALA A 39 -1.80 3.84 -5.91
C ALA A 39 -1.54 4.62 -7.18
N ALA A 40 -2.63 5.09 -7.79
CA ALA A 40 -2.52 5.87 -9.02
C ALA A 40 -1.75 7.17 -8.78
N HIS A 41 -1.80 7.73 -7.57
CA HIS A 41 -1.07 8.97 -7.34
C HIS A 41 0.45 8.78 -7.26
N CYS A 42 0.90 7.54 -7.40
CA CYS A 42 2.32 7.23 -7.38
C CYS A 42 2.91 7.27 -8.78
N LYS A 43 2.08 7.62 -9.76
CA LYS A 43 2.54 7.68 -11.15
C LYS A 43 3.58 8.78 -11.35
N LYS A 44 4.72 8.40 -11.91
CA LYS A 44 5.81 9.32 -12.20
C LYS A 44 6.54 8.76 -13.40
N PRO A 45 7.29 9.61 -14.11
CA PRO A 45 7.99 9.01 -15.24
C PRO A 45 9.22 8.28 -14.69
N ASN A 46 9.65 7.23 -15.37
CA ASN A 46 10.84 6.51 -14.96
C ASN A 46 10.82 5.88 -13.58
N LEU A 47 9.71 5.26 -13.21
CA LEU A 47 9.62 4.60 -11.90
C LEU A 47 10.57 3.39 -11.86
N GLN A 48 11.20 3.20 -10.71
CA GLN A 48 12.10 2.06 -10.48
C GLN A 48 11.43 1.21 -9.39
N VAL A 49 11.35 -0.10 -9.59
CA VAL A 49 10.73 -0.97 -8.61
C VAL A 49 11.76 -1.87 -7.94
N PHE A 50 11.75 -1.90 -6.61
CA PHE A 50 12.68 -2.73 -5.84
C PHE A 50 11.91 -3.74 -5.00
N LEU A 51 12.26 -5.01 -5.16
CA LEU A 51 11.64 -6.09 -4.41
C LEU A 51 12.70 -6.69 -3.47
N GLY A 52 12.24 -7.39 -2.43
CA GLY A 52 13.18 -8.00 -1.50
C GLY A 52 13.96 -7.05 -0.60
N LYS A 53 13.48 -5.81 -0.48
CA LYS A 53 14.13 -4.81 0.37
C LYS A 53 13.53 -4.81 1.78
N HIS A 54 14.36 -4.46 2.76
CA HIS A 54 13.93 -4.38 4.15
C HIS A 54 14.50 -3.09 4.75
N ASN A 55 15.82 -2.94 4.70
CA ASN A 55 16.50 -1.76 5.21
C ASN A 55 17.04 -0.99 4.00
N LEU A 56 16.52 0.22 3.77
CA LEU A 56 16.97 0.99 2.61
C LEU A 56 18.41 1.45 2.64
N ARG A 57 19.05 1.38 3.80
CA ARG A 57 20.43 1.85 3.92
C ARG A 57 21.44 0.72 3.95
N GLN A 58 21.01 -0.47 3.54
CA GLN A 58 21.89 -1.62 3.52
C GLN A 58 21.68 -2.46 2.25
N ARG A 59 22.77 -2.81 1.57
CA ARG A 59 22.65 -3.64 0.38
C ARG A 59 22.29 -5.01 0.89
N GLU A 60 21.18 -5.55 0.40
CA GLU A 60 20.70 -6.84 0.85
C GLU A 60 20.81 -7.91 -0.24
N SER A 61 21.21 -9.11 0.16
CA SER A 61 21.40 -10.22 -0.77
C SER A 61 20.13 -10.59 -1.50
N SER A 62 19.00 -10.29 -0.89
CA SER A 62 17.70 -10.61 -1.45
C SER A 62 17.10 -9.56 -2.40
N GLN A 63 17.63 -8.35 -2.41
CA GLN A 63 17.03 -7.32 -3.26
C GLN A 63 17.16 -7.54 -4.76
N GLU A 64 16.11 -7.16 -5.48
CA GLU A 64 16.03 -7.28 -6.93
C GLU A 64 15.39 -5.99 -7.46
N GLN A 65 15.95 -5.50 -8.56
CA GLN A 65 15.44 -4.28 -9.17
C GLN A 65 14.78 -4.58 -10.51
N SER A 66 13.80 -3.75 -10.88
CA SER A 66 13.16 -3.92 -12.16
C SER A 66 12.64 -2.61 -12.69
N SER A 67 12.66 -2.48 -14.01
CA SER A 67 12.14 -1.28 -14.64
C SER A 67 10.68 -1.59 -14.92
N VAL A 68 9.91 -0.55 -15.21
CA VAL A 68 8.50 -0.68 -15.51
C VAL A 68 8.37 -0.52 -17.01
N VAL A 69 7.67 -1.43 -17.67
CA VAL A 69 7.51 -1.31 -19.11
C VAL A 69 6.14 -0.75 -19.48
N ARG A 70 5.21 -0.81 -18.53
CA ARG A 70 3.88 -0.28 -18.76
C ARG A 70 3.18 0.04 -17.44
N ALA A 71 2.50 1.18 -17.38
CA ALA A 71 1.78 1.58 -16.18
C ALA A 71 0.33 1.79 -16.58
N VAL A 72 -0.56 1.03 -15.97
CA VAL A 72 -1.99 1.10 -16.25
C VAL A 72 -2.74 1.75 -15.09
N ILE A 73 -3.05 3.04 -15.24
CA ILE A 73 -3.78 3.79 -14.23
C ILE A 73 -5.27 3.53 -14.41
N HIS A 74 -6.02 3.37 -13.32
CA HIS A 74 -7.43 3.11 -13.51
C HIS A 74 -8.03 4.24 -14.35
N PRO A 75 -8.83 3.90 -15.36
CA PRO A 75 -9.45 4.92 -16.23
C PRO A 75 -10.24 6.02 -15.53
N ASP A 76 -10.83 5.71 -14.38
CA ASP A 76 -11.64 6.69 -13.66
C ASP A 76 -11.01 7.29 -12.41
N TYR A 77 -9.69 7.12 -12.28
CA TYR A 77 -8.98 7.69 -11.15
C TYR A 77 -9.21 9.20 -11.13
N ASP A 78 -9.49 9.72 -9.94
CA ASP A 78 -9.67 11.14 -9.77
C ASP A 78 -8.67 11.60 -8.72
N ALA A 79 -7.73 12.43 -9.15
CA ALA A 79 -6.65 12.93 -8.31
C ALA A 79 -7.04 13.97 -7.27
N ALA A 80 -8.25 14.52 -7.35
CA ALA A 80 -8.67 15.49 -6.36
C ALA A 80 -9.33 14.74 -5.21
N SER A 81 -10.34 13.93 -5.53
CA SER A 81 -11.08 13.18 -4.52
C SER A 81 -10.40 11.88 -4.11
N HIS A 82 -9.43 11.43 -4.91
CA HIS A 82 -8.69 10.19 -4.67
C HIS A 82 -9.54 8.96 -5.05
N ASP A 83 -10.69 9.17 -5.68
CA ASP A 83 -11.52 8.04 -6.05
C ASP A 83 -10.81 7.15 -7.08
N GLN A 84 -10.89 5.84 -6.88
CA GLN A 84 -10.30 4.82 -7.75
C GLN A 84 -8.78 5.00 -7.87
N ASP A 85 -8.15 5.16 -6.71
CA ASP A 85 -6.71 5.38 -6.62
C ASP A 85 -5.95 4.06 -6.73
N ILE A 86 -5.84 3.58 -7.95
CA ILE A 86 -5.19 2.31 -8.18
C ILE A 86 -4.48 2.29 -9.53
N MET A 87 -3.32 1.62 -9.57
CA MET A 87 -2.51 1.52 -10.78
C MET A 87 -1.73 0.21 -10.83
N LEU A 88 -1.66 -0.40 -12.01
CA LEU A 88 -0.90 -1.63 -12.18
C LEU A 88 0.39 -1.34 -12.93
N LEU A 89 1.51 -1.87 -12.43
CA LEU A 89 2.80 -1.68 -13.08
C LEU A 89 3.31 -3.01 -13.63
N ARG A 90 3.57 -3.07 -14.93
CA ARG A 90 4.10 -4.29 -15.53
C ARG A 90 5.62 -4.23 -15.47
N LEU A 91 6.24 -5.26 -14.92
CA LEU A 91 7.69 -5.33 -14.81
C LEU A 91 8.31 -5.78 -16.12
N ALA A 92 9.54 -5.32 -16.36
CA ALA A 92 10.28 -5.66 -17.57
C ALA A 92 10.44 -7.18 -17.70
N ARG A 93 10.65 -7.83 -16.57
CA ARG A 93 10.82 -9.28 -16.53
C ARG A 93 10.16 -9.81 -15.26
N PRO A 94 9.70 -11.06 -15.28
CA PRO A 94 9.07 -11.58 -14.06
C PRO A 94 10.01 -11.63 -12.85
N ALA A 95 9.47 -11.33 -11.67
CA ALA A 95 10.26 -11.33 -10.43
C ALA A 95 10.77 -12.73 -10.10
N LYS A 96 11.98 -12.80 -9.56
CA LYS A 96 12.56 -14.07 -9.15
C LYS A 96 12.15 -14.29 -7.70
N LEU A 97 11.32 -15.30 -7.47
CA LEU A 97 10.79 -15.59 -6.14
C LEU A 97 11.70 -16.33 -5.15
N SER A 98 11.47 -16.05 -3.87
CA SER A 98 12.22 -16.66 -2.78
C SER A 98 11.46 -16.38 -1.49
N GLU A 99 12.04 -16.74 -0.35
CA GLU A 99 11.36 -16.49 0.91
C GLU A 99 11.14 -14.98 1.11
N LEU A 100 11.94 -14.17 0.43
CA LEU A 100 11.84 -12.72 0.61
C LEU A 100 11.14 -11.96 -0.53
N ILE A 101 10.69 -12.69 -1.54
CA ILE A 101 9.99 -12.09 -2.67
C ILE A 101 8.87 -13.05 -3.05
N GLN A 102 7.64 -12.66 -2.73
CA GLN A 102 6.47 -13.48 -3.00
C GLN A 102 5.24 -12.61 -3.27
N PRO A 103 4.36 -13.06 -4.16
CA PRO A 103 3.16 -12.26 -4.43
C PRO A 103 2.13 -12.47 -3.31
N LEU A 104 1.25 -11.50 -3.13
CA LEU A 104 0.20 -11.58 -2.11
C LEU A 104 -1.15 -11.70 -2.83
N PRO A 105 -1.98 -12.66 -2.42
CA PRO A 105 -3.28 -12.80 -3.09
C PRO A 105 -4.22 -11.66 -2.73
N LEU A 106 -5.17 -11.37 -3.62
CA LEU A 106 -6.15 -10.32 -3.40
C LEU A 106 -7.38 -10.80 -2.65
N GLU A 107 -7.95 -9.93 -1.81
CA GLU A 107 -9.18 -10.28 -1.11
C GLU A 107 -10.27 -10.00 -2.15
N ARG A 108 -10.98 -11.05 -2.57
CA ARG A 108 -12.04 -10.90 -3.55
C ARG A 108 -13.40 -10.66 -2.92
N ASP A 109 -13.55 -10.99 -1.65
CA ASP A 109 -14.84 -10.79 -0.99
C ASP A 109 -14.87 -9.54 -0.14
N CYS A 110 -15.66 -8.55 -0.58
CA CYS A 110 -15.78 -7.30 0.14
C CYS A 110 -16.40 -7.42 1.53
N SER A 111 -17.02 -8.56 1.81
CA SER A 111 -17.65 -8.77 3.11
C SER A 111 -16.77 -9.57 4.07
N ALA A 112 -15.54 -9.88 3.66
CA ALA A 112 -14.63 -10.63 4.53
C ALA A 112 -14.66 -9.99 5.92
N ASN A 113 -14.72 -10.82 6.95
CA ASN A 113 -14.80 -10.33 8.32
C ASN A 113 -13.49 -10.22 9.12
N THR A 114 -12.36 -10.41 8.48
CA THR A 114 -11.10 -10.29 9.20
C THR A 114 -10.82 -8.79 9.31
N THR A 115 -11.20 -8.20 10.44
CA THR A 115 -11.04 -6.77 10.67
C THR A 115 -9.70 -6.33 11.28
N SER A 116 -8.91 -7.29 11.76
CA SER A 116 -7.61 -6.96 12.33
C SER A 116 -6.64 -7.07 11.17
N CYS A 117 -6.00 -5.96 10.82
CA CYS A 117 -5.09 -5.96 9.68
C CYS A 117 -3.80 -5.25 9.97
N HIS A 118 -2.87 -5.33 9.04
CA HIS A 118 -1.65 -4.61 9.26
C HIS A 118 -1.21 -3.84 8.03
N ILE A 119 -0.46 -2.79 8.30
CA ILE A 119 0.07 -1.92 7.26
C ILE A 119 1.57 -1.90 7.38
N LEU A 120 2.23 -1.52 6.29
CA LEU A 120 3.68 -1.47 6.28
C LEU A 120 4.21 -0.51 5.24
N GLY A 121 5.41 -0.01 5.49
CA GLY A 121 6.02 0.91 4.56
C GLY A 121 7.20 1.69 5.12
N TRP A 122 7.86 2.41 4.23
CA TRP A 122 9.02 3.24 4.55
C TRP A 122 8.65 4.72 4.59
N GLY A 123 7.36 5.00 4.74
CA GLY A 123 6.88 6.38 4.80
C GLY A 123 7.24 7.07 6.10
N LYS A 124 6.83 8.32 6.23
CA LYS A 124 7.16 9.13 7.40
C LYS A 124 6.74 8.50 8.73
N THR A 125 7.65 8.54 9.70
CA THR A 125 7.37 8.00 11.02
C THR A 125 6.91 9.10 11.99
N ALA A 126 6.59 8.71 13.22
CA ALA A 126 6.11 9.67 14.22
C ALA A 126 7.03 10.84 14.46
N ASP A 127 8.33 10.62 14.34
CA ASP A 127 9.31 11.69 14.55
C ASP A 127 9.46 12.64 13.37
N GLY A 128 8.68 12.42 12.30
CA GLY A 128 8.76 13.27 11.13
C GLY A 128 9.85 12.91 10.12
N ASP A 129 10.62 11.88 10.44
N ASP A 129 10.65 11.90 10.40
CA ASP A 129 11.73 11.42 9.61
CA ASP A 129 11.68 11.55 9.44
C ASP A 129 11.32 10.18 8.80
C ASP A 129 11.21 10.35 8.61
N PHE A 130 12.12 9.82 7.79
CA PHE A 130 11.81 8.65 6.97
C PHE A 130 12.79 7.58 7.43
N PRO A 131 12.27 6.41 7.83
CA PRO A 131 13.10 5.31 8.32
C PRO A 131 13.85 4.49 7.29
N ASP A 132 14.97 3.92 7.72
CA ASP A 132 15.71 3.06 6.81
C ASP A 132 15.05 1.68 6.86
N THR A 133 14.59 1.27 8.04
CA THR A 133 13.96 -0.04 8.18
C THR A 133 12.45 0.07 8.02
N ILE A 134 11.89 -0.79 7.18
CA ILE A 134 10.45 -0.78 6.92
C ILE A 134 9.70 -0.93 8.24
N GLN A 135 8.60 -0.21 8.37
CA GLN A 135 7.77 -0.19 9.58
C GLN A 135 6.48 -0.98 9.37
N CYS A 136 6.00 -1.55 10.48
CA CYS A 136 4.78 -2.36 10.49
C CYS A 136 3.88 -1.92 11.64
N ALA A 137 2.56 -2.07 11.47
CA ALA A 137 1.62 -1.73 12.54
C ALA A 137 0.30 -2.43 12.28
N TYR A 138 -0.38 -2.81 13.35
CA TYR A 138 -1.68 -3.46 13.19
C TYR A 138 -2.77 -2.45 13.46
N ILE A 139 -3.78 -2.45 12.61
CA ILE A 139 -4.90 -1.53 12.74
C ILE A 139 -6.18 -2.31 12.47
N HIS A 140 -7.33 -1.65 12.60
CA HIS A 140 -8.60 -2.33 12.38
C HIS A 140 -9.44 -1.62 11.35
N LEU A 141 -10.19 -2.41 10.58
CA LEU A 141 -11.09 -1.83 9.59
C LEU A 141 -12.17 -1.09 10.38
N VAL A 142 -12.67 -0.01 9.78
CA VAL A 142 -13.71 0.82 10.37
C VAL A 142 -14.94 0.71 9.48
N SER A 143 -16.13 0.68 10.07
CA SER A 143 -17.34 0.56 9.27
C SER A 143 -17.47 1.76 8.33
N ARG A 144 -18.14 1.54 7.21
CA ARG A 144 -18.34 2.60 6.23
C ARG A 144 -19.10 3.78 6.84
N GLU A 145 -20.02 3.48 7.75
CA GLU A 145 -20.80 4.52 8.40
C GLU A 145 -19.89 5.46 9.20
N GLU A 146 -18.97 4.87 9.97
CA GLU A 146 -18.05 5.67 10.76
C GLU A 146 -17.09 6.41 9.84
N CYS A 147 -16.68 5.75 8.75
CA CYS A 147 -15.77 6.34 7.76
C CYS A 147 -16.43 7.60 7.23
N GLU A 148 -17.68 7.47 6.78
CA GLU A 148 -18.42 8.60 6.25
C GLU A 148 -18.60 9.69 7.29
N HIS A 149 -18.79 9.32 8.54
CA HIS A 149 -18.96 10.29 9.61
C HIS A 149 -17.69 11.12 9.79
N ALA A 150 -16.53 10.46 9.68
CA ALA A 150 -15.24 11.16 9.83
C ALA A 150 -14.92 12.07 8.65
N TYR A 151 -15.33 11.67 7.46
CA TYR A 151 -15.06 12.45 6.25
C TYR A 151 -16.38 12.60 5.49
N PRO A 152 -17.30 13.41 6.04
CA PRO A 152 -18.59 13.59 5.38
C PRO A 152 -18.56 13.98 3.90
N GLY A 153 -19.24 13.19 3.08
CA GLY A 153 -19.32 13.44 1.65
C GLY A 153 -18.04 13.22 0.86
N GLN A 154 -17.07 12.54 1.44
CA GLN A 154 -15.78 12.31 0.78
C GLN A 154 -15.44 10.84 0.54
N ILE A 155 -16.23 9.94 1.12
CA ILE A 155 -15.94 8.52 0.99
C ILE A 155 -16.79 7.83 -0.05
N THR A 156 -16.14 7.18 -1.01
CA THR A 156 -16.86 6.48 -2.07
C THR A 156 -16.82 4.98 -1.79
N GLN A 157 -17.56 4.24 -2.61
CA GLN A 157 -17.61 2.78 -2.46
C GLN A 157 -16.23 2.18 -2.76
N ASN A 158 -15.39 2.95 -3.41
CA ASN A 158 -14.06 2.47 -3.77
C ASN A 158 -13.02 2.73 -2.70
N MET A 159 -13.48 3.14 -1.52
CA MET A 159 -12.60 3.44 -0.40
C MET A 159 -13.00 2.64 0.84
N LEU A 160 -12.00 2.29 1.64
N LEU A 160 -11.99 2.30 1.63
CA LEU A 160 -12.17 1.54 2.88
CA LEU A 160 -12.16 1.55 2.88
C LEU A 160 -11.36 2.25 3.96
C LEU A 160 -11.38 2.32 3.95
N CYS A 161 -11.94 2.40 5.16
CA CYS A 161 -11.25 3.10 6.24
C CYS A 161 -10.67 2.10 7.23
N ALA A 162 -9.54 2.46 7.82
CA ALA A 162 -8.90 1.59 8.81
C ALA A 162 -8.04 2.46 9.73
N GLY A 163 -8.07 2.15 11.02
CA GLY A 163 -7.30 2.95 11.96
C GLY A 163 -7.13 2.28 13.31
N ASP A 164 -6.58 3.03 14.25
CA ASP A 164 -6.31 2.51 15.59
C ASP A 164 -6.71 3.54 16.64
N GLU A 165 -7.86 3.32 17.27
CA GLU A 165 -8.37 4.24 18.28
C GLU A 165 -7.52 4.31 19.54
N LYS A 166 -6.66 3.32 19.75
CA LYS A 166 -5.82 3.29 20.95
C LYS A 166 -4.56 4.16 20.85
N TYR A 167 -3.74 3.92 19.84
CA TYR A 167 -2.51 4.68 19.66
C TYR A 167 -2.48 5.54 18.40
N GLY A 168 -3.46 5.35 17.53
CA GLY A 168 -3.52 6.14 16.32
C GLY A 168 -2.54 5.69 15.25
N LYS A 169 -2.14 4.42 15.30
CA LYS A 169 -1.22 3.87 14.30
C LYS A 169 -1.84 4.21 12.94
N ASP A 170 -1.03 4.63 11.99
CA ASP A 170 -1.61 5.05 10.72
C ASP A 170 -0.54 5.11 9.62
N SER A 171 -0.96 5.05 8.37
N SER A 171 -0.99 5.10 8.37
CA SER A 171 -0.02 5.14 7.26
CA SER A 171 -0.08 5.19 7.23
C SER A 171 0.28 6.62 7.07
C SER A 171 0.30 6.65 7.10
N CYS A 172 1.30 6.94 6.27
CA CYS A 172 1.69 8.32 6.08
C CYS A 172 2.33 8.55 4.73
N GLN A 173 2.80 9.78 4.52
CA GLN A 173 3.46 10.17 3.28
C GLN A 173 4.58 9.19 3.00
N GLY A 174 4.61 8.65 1.78
CA GLY A 174 5.65 7.70 1.45
C GLY A 174 5.16 6.28 1.57
N ASP A 175 4.09 6.06 2.32
CA ASP A 175 3.54 4.71 2.45
C ASP A 175 2.54 4.43 1.32
N SER A 176 2.11 5.50 0.66
CA SER A 176 1.18 5.44 -0.47
C SER A 176 1.39 4.26 -1.40
N GLY A 177 0.30 3.59 -1.73
CA GLY A 177 0.39 2.46 -2.65
C GLY A 177 0.77 1.15 -1.99
N GLY A 178 1.18 1.23 -0.73
CA GLY A 178 1.54 0.05 0.04
C GLY A 178 0.30 -0.75 0.46
N PRO A 179 0.51 -1.94 1.00
CA PRO A 179 -0.56 -2.84 1.44
C PRO A 179 -1.25 -2.72 2.78
N LEU A 180 -2.58 -2.92 2.75
CA LEU A 180 -3.38 -3.03 3.97
C LEU A 180 -3.69 -4.53 3.85
N VAL A 181 -3.08 -5.34 4.73
CA VAL A 181 -3.25 -6.79 4.67
C VAL A 181 -4.17 -7.33 5.76
N CYS A 182 -5.22 -8.06 5.36
CA CYS A 182 -6.14 -8.65 6.33
C CYS A 182 -6.34 -10.14 6.01
N GLY A 183 -6.07 -10.99 6.99
CA GLY A 183 -6.23 -12.42 6.76
C GLY A 183 -5.38 -12.95 5.62
N ASP A 184 -4.15 -12.45 5.52
CA ASP A 184 -3.22 -12.87 4.49
C ASP A 184 -3.62 -12.56 3.05
N HIS A 185 -4.53 -11.61 2.89
CA HIS A 185 -4.95 -11.19 1.56
C HIS A 185 -4.89 -9.66 1.53
N LEU A 186 -4.70 -9.11 0.34
CA LEU A 186 -4.63 -7.66 0.15
C LEU A 186 -6.06 -7.09 0.20
N ARG A 187 -6.33 -6.25 1.20
CA ARG A 187 -7.66 -5.67 1.37
C ARG A 187 -7.69 -4.22 0.87
N GLY A 188 -6.55 -3.54 0.95
CA GLY A 188 -6.49 -2.16 0.51
C GLY A 188 -5.11 -1.69 0.13
N LEU A 189 -5.05 -0.46 -0.37
CA LEU A 189 -3.80 0.20 -0.74
C LEU A 189 -3.80 1.55 -0.04
N VAL A 190 -2.67 1.93 0.55
CA VAL A 190 -2.57 3.23 1.22
C VAL A 190 -2.92 4.31 0.20
N SER A 191 -3.93 5.14 0.51
CA SER A 191 -4.36 6.18 -0.43
C SER A 191 -4.27 7.60 0.14
N TRP A 192 -5.04 7.86 1.20
CA TRP A 192 -5.02 9.17 1.81
C TRP A 192 -5.50 9.09 3.25
N GLY A 193 -5.53 10.23 3.93
CA GLY A 193 -5.97 10.25 5.30
C GLY A 193 -5.63 11.55 6.01
N ASN A 194 -5.60 11.49 7.33
CA ASN A 194 -5.30 12.63 8.15
C ASN A 194 -3.87 13.16 7.96
N ILE A 195 -3.74 14.48 8.00
CA ILE A 195 -2.44 15.14 7.90
C ILE A 195 -2.44 16.27 8.92
N PRO A 196 -1.57 16.19 9.94
CA PRO A 196 -0.57 15.16 10.22
C PRO A 196 -1.15 13.76 10.39
N CYS A 197 -0.35 12.74 10.05
CA CYS A 197 -0.77 11.36 10.15
C CYS A 197 -1.10 10.96 11.59
N GLY A 198 -2.10 10.10 11.72
CA GLY A 198 -2.58 9.63 13.02
C GLY A 198 -4.05 9.31 12.82
N SER A 199 -4.48 8.12 13.26
CA SER A 199 -5.85 7.65 13.02
C SER A 199 -6.81 7.56 14.21
N LYS A 200 -6.52 8.22 15.31
CA LYS A 200 -7.43 8.12 16.45
C LYS A 200 -8.81 8.70 16.13
N GLU A 201 -8.82 9.89 15.55
CA GLU A 201 -10.08 10.55 15.21
C GLU A 201 -10.52 10.30 13.77
N LYS A 202 -9.60 10.49 12.84
CA LYS A 202 -9.89 10.28 11.43
C LYS A 202 -9.12 9.06 10.95
N PRO A 203 -9.83 8.01 10.52
CA PRO A 203 -9.12 6.82 10.07
C PRO A 203 -8.41 7.00 8.74
N GLY A 204 -7.42 6.15 8.47
CA GLY A 204 -6.73 6.22 7.20
C GLY A 204 -7.71 5.72 6.14
N VAL A 205 -7.58 6.21 4.91
CA VAL A 205 -8.46 5.81 3.83
C VAL A 205 -7.64 5.02 2.82
N TYR A 206 -8.14 3.84 2.47
CA TYR A 206 -7.45 2.94 1.56
C TYR A 206 -8.28 2.60 0.34
N THR A 207 -7.62 2.35 -0.78
CA THR A 207 -8.33 1.95 -1.98
C THR A 207 -8.94 0.58 -1.63
N ASN A 208 -10.22 0.42 -1.89
CA ASN A 208 -10.98 -0.81 -1.59
C ASN A 208 -10.68 -1.83 -2.69
N VAL A 209 -9.59 -2.59 -2.49
CA VAL A 209 -9.15 -3.58 -3.48
C VAL A 209 -10.16 -4.63 -3.95
N CYS A 210 -10.98 -5.14 -3.04
CA CYS A 210 -11.99 -6.14 -3.40
C CYS A 210 -12.86 -5.66 -4.58
N ARG A 211 -13.03 -4.35 -4.73
CA ARG A 211 -13.83 -3.79 -5.82
C ARG A 211 -13.19 -3.91 -7.21
N TYR A 212 -11.88 -4.14 -7.24
CA TYR A 212 -11.11 -4.20 -8.48
C TYR A 212 -10.65 -5.56 -9.01
N THR A 213 -11.16 -6.65 -8.42
CA THR A 213 -10.77 -7.98 -8.85
C THR A 213 -10.95 -8.18 -10.35
N ASN A 214 -12.10 -7.75 -10.88
CA ASN A 214 -12.38 -7.89 -12.30
C ASN A 214 -11.45 -7.04 -13.18
N TRP A 215 -11.25 -5.78 -12.79
CA TRP A 215 -10.37 -4.90 -13.55
C TRP A 215 -8.92 -5.41 -13.57
N ILE A 216 -8.44 -5.84 -12.41
CA ILE A 216 -7.08 -6.34 -12.32
C ILE A 216 -6.93 -7.62 -13.16
N GLN A 217 -7.88 -8.53 -13.02
CA GLN A 217 -7.82 -9.79 -13.76
C GLN A 217 -7.74 -9.54 -15.26
N LYS A 218 -8.63 -8.70 -15.77
CA LYS A 218 -8.68 -8.38 -17.19
C LYS A 218 -7.40 -7.71 -17.66
N THR A 219 -6.84 -6.83 -16.84
CA THR A 219 -5.62 -6.15 -17.22
C THR A 219 -4.44 -7.09 -17.31
N ILE A 220 -4.32 -7.98 -16.32
CA ILE A 220 -3.20 -8.94 -16.27
C ILE A 220 -3.30 -10.06 -17.31
N GLN A 221 -4.47 -10.68 -17.41
CA GLN A 221 -4.68 -11.78 -18.35
C GLN A 221 -4.84 -11.28 -19.78
MG MG B . -14.28 10.68 -12.93
C1 BEN C . -2.16 9.04 4.90
C2 BEN C . -1.87 8.11 3.87
C3 BEN C . -1.24 8.54 2.68
C4 BEN C . -0.88 9.91 2.52
C5 BEN C . -1.15 10.87 3.54
C6 BEN C . -1.80 10.42 4.72
C BEN C . -2.83 8.65 6.17
N1 BEN C . -2.86 9.52 7.15
N2 BEN C . -3.35 7.39 6.28
#